data_1ZLK
#
_entry.id   1ZLK
#
_cell.length_a   142.397
_cell.length_b   58.791
_cell.length_c   82.933
_cell.angle_alpha   90.00
_cell.angle_beta   125.50
_cell.angle_gamma   90.00
#
_symmetry.space_group_name_H-M   'C 1 2 1'
#
loop_
_entity.id
_entity.type
_entity.pdbx_description
1 polymer "5'-D(*GP*GP*CP*CP*CP*GP*CP*GP*CP*TP*TP*TP*GP*GP*GP*GP*AP*CP*TP*AP*AP*AP*GP*TP*CP*CP*CP*TP*AP*AP*CP*CP*CP*TP*GP*GP*CP*CP*AP*CP*GP*AP*T)-3'"
2 polymer "5'-D(*CP*GP*TP*GP*GP*CP*CP*AP*GP*GP*GP*TP*TP*AP*GP*GP*GP*AP*CP*TP*TP*TP*AP*GP*TP*CP*CP*CP*CP*AP*AP*AP*GP*CP*GP*CP*GP*GP*GP*CP*CP*AP*T)-3'"
3 polymer 'Dormancy Survival Regulator'
#
loop_
_entity_poly.entity_id
_entity_poly.type
_entity_poly.pdbx_seq_one_letter_code
_entity_poly.pdbx_strand_id
1 'polydeoxyribonucleotide'
;(DG)(DG)(DC)(DC)(DC)(DG)(DC)(DG)(DC)(DT)(DT)(DT)(DG)(DG)(DG)(DG)(DA)(DC)(DT)(DA)
(DA)(DA)(DG)(DT)(DC)(DC)(DC)(DT)(DA)(DA)(DC)(DC)(DC)(DT)(DG)(DG)(DC)(DC)(DA)(DC)
(DG)(DA)(DT)
;
C
2 'polydeoxyribonucleotide'
;(DC)(DG)(DT)(DG)(DG)(DC)(DC)(DA)(DG)(DG)(DG)(DT)(DT)(DA)(DG)(DG)(DG)(DA)(DC)(DT)
(DT)(DT)(DA)(DG)(DT)(DC)(DC)(DC)(DC)(DA)(DA)(DA)(DG)(DC)(DG)(DC)(DG)(DG)(DG)(DC)
(DC)(DA)(DT)
;
D
3 'polypeptide(L)'
;MGSSHHHHHHSSGLVPRGSHMQDPLSGLTDQERTLLGLLSEGLTNKQIADRMFLAEKTVKNYVSRLLAKLGMERRTQAAV
FATELKRSRPPGDGP
;
A,B
#
loop_
_chem_comp.id
_chem_comp.type
_chem_comp.name
_chem_comp.formula
DA DNA linking 2'-DEOXYADENOSINE-5'-MONOPHOSPHATE 'C10 H14 N5 O6 P'
DC DNA linking 2'-DEOXYCYTIDINE-5'-MONOPHOSPHATE 'C9 H14 N3 O7 P'
DG DNA linking 2'-DEOXYGUANOSINE-5'-MONOPHOSPHATE 'C10 H14 N5 O7 P'
DT DNA linking THYMIDINE-5'-MONOPHOSPHATE 'C10 H15 N2 O8 P'
#
# COMPACT_ATOMS: atom_id res chain seq x y z
N ASP C 23 6.50 -7.46 15.66
CA ASP C 23 7.89 -7.35 15.09
C ASP C 23 8.35 -8.70 14.49
N PRO C 24 7.43 -9.43 13.88
CA PRO C 24 7.76 -10.77 13.35
C PRO C 24 8.53 -10.69 12.04
N LEU C 25 9.78 -10.26 12.11
CA LEU C 25 10.62 -10.19 10.93
C LEU C 25 11.46 -11.46 10.82
N SER C 26 11.06 -12.49 11.57
CA SER C 26 11.75 -13.77 11.56
C SER C 26 11.25 -14.62 10.40
N GLY C 27 12.15 -14.90 9.47
CA GLY C 27 11.82 -15.65 8.27
C GLY C 27 12.29 -14.87 7.05
N LEU C 28 12.38 -13.56 7.24
CA LEU C 28 12.69 -12.65 6.16
C LEU C 28 14.18 -12.66 5.92
N THR C 29 14.60 -12.86 4.67
CA THR C 29 16.03 -12.86 4.36
C THR C 29 16.63 -11.49 4.67
N ASP C 30 17.91 -11.33 4.32
CA ASP C 30 18.61 -10.06 4.48
C ASP C 30 17.79 -8.93 3.89
N GLN C 31 17.61 -8.99 2.58
CA GLN C 31 17.04 -7.90 1.82
C GLN C 31 15.52 -7.90 1.81
N GLU C 32 14.91 -8.98 2.25
CA GLU C 32 13.46 -9.04 2.37
C GLU C 32 12.96 -8.07 3.46
N ARG C 33 13.79 -7.81 4.47
CA ARG C 33 13.45 -6.82 5.49
C ARG C 33 13.65 -5.42 4.93
N THR C 34 14.46 -5.33 3.89
CA THR C 34 14.71 -4.09 3.19
C THR C 34 13.80 -3.96 1.97
N LEU C 35 13.04 -4.99 1.69
CA LEU C 35 12.05 -4.96 0.62
C LEU C 35 10.73 -4.57 1.23
N LEU C 36 10.76 -4.36 2.54
CA LEU C 36 9.57 -4.06 3.31
C LEU C 36 9.64 -2.61 3.73
N GLY C 37 10.85 -2.07 3.81
CA GLY C 37 11.04 -0.67 4.12
C GLY C 37 10.83 0.19 2.89
N LEU C 38 11.20 -0.36 1.73
CA LEU C 38 11.01 0.30 0.45
C LEU C 38 9.59 0.20 -0.01
N LEU C 39 8.99 -0.96 0.20
CA LEU C 39 7.59 -1.14 -0.04
C LEU C 39 6.77 -0.17 0.79
N SER C 40 7.24 0.10 2.01
CA SER C 40 6.51 0.92 2.96
C SER C 40 6.66 2.42 2.66
N GLU C 41 7.48 2.73 1.67
CA GLU C 41 7.53 4.10 1.13
C GLU C 41 6.70 4.22 -0.15
N GLY C 42 5.76 3.30 -0.34
CA GLY C 42 4.93 3.28 -1.52
C GLY C 42 5.68 3.51 -2.82
N LEU C 43 6.84 2.86 -2.94
CA LEU C 43 7.64 2.92 -4.17
C LEU C 43 7.15 1.89 -5.17
N THR C 44 7.73 1.90 -6.36
CA THR C 44 7.31 0.97 -7.40
C THR C 44 8.41 -0.05 -7.62
N ASN C 45 8.03 -1.25 -8.03
CA ASN C 45 9.02 -2.28 -8.31
C ASN C 45 10.28 -1.67 -8.93
N LYS C 46 10.08 -0.77 -9.88
CA LYS C 46 11.18 -0.19 -10.66
C LYS C 46 11.94 0.85 -9.88
N GLN C 47 11.27 1.60 -9.02
CA GLN C 47 11.96 2.54 -8.12
C GLN C 47 12.73 1.75 -7.07
N ILE C 48 12.05 0.81 -6.44
CA ILE C 48 12.66 -0.11 -5.52
C ILE C 48 13.86 -0.80 -6.18
N ALA C 49 13.72 -1.08 -7.47
CA ALA C 49 14.74 -1.82 -8.20
C ALA C 49 15.97 -0.98 -8.44
N ASP C 50 15.79 0.33 -8.62
CA ASP C 50 16.92 1.24 -8.77
C ASP C 50 17.69 1.35 -7.47
N ARG C 51 16.96 1.53 -6.38
CA ARG C 51 17.58 1.70 -5.06
C ARG C 51 18.31 0.44 -4.62
N MET C 52 18.16 -0.64 -5.39
CA MET C 52 18.79 -1.91 -5.05
C MET C 52 19.62 -2.46 -6.20
N PHE C 53 19.66 -1.77 -7.32
CA PHE C 53 20.50 -2.17 -8.44
C PHE C 53 20.03 -3.45 -9.11
N LEU C 54 18.77 -3.80 -8.94
CA LEU C 54 18.22 -4.96 -9.63
C LEU C 54 17.43 -4.54 -10.87
N ALA C 55 16.86 -5.53 -11.55
CA ALA C 55 15.92 -5.28 -12.61
C ALA C 55 14.54 -5.28 -12.00
N GLU C 56 13.56 -4.74 -12.71
CA GLU C 56 12.20 -4.71 -12.20
C GLU C 56 11.62 -6.12 -12.15
N LYS C 57 12.03 -6.96 -13.09
CA LYS C 57 11.58 -8.34 -13.10
C LYS C 57 12.04 -9.04 -11.81
N THR C 58 13.31 -8.88 -11.50
CA THR C 58 13.90 -9.45 -10.30
C THR C 58 13.07 -9.05 -9.08
N VAL C 59 12.69 -7.79 -8.99
CA VAL C 59 11.93 -7.29 -7.85
C VAL C 59 10.49 -7.80 -7.82
N LYS C 60 9.88 -7.90 -8.98
CA LYS C 60 8.56 -8.46 -9.05
C LYS C 60 8.59 -9.76 -8.28
N ASN C 61 9.62 -10.56 -8.53
CA ASN C 61 9.75 -11.89 -7.92
C ASN C 61 9.99 -11.84 -6.41
N TYR C 62 11.09 -11.21 -6.00
CA TYR C 62 11.40 -11.04 -4.58
C TYR C 62 10.17 -10.62 -3.79
N VAL C 63 9.49 -9.58 -4.24
CA VAL C 63 8.31 -9.04 -3.56
C VAL C 63 7.22 -10.08 -3.47
N SER C 64 6.94 -10.73 -4.59
CA SER C 64 5.87 -11.72 -4.66
C SER C 64 6.15 -12.90 -3.74
N ARG C 65 7.41 -13.29 -3.64
CA ARG C 65 7.81 -14.32 -2.70
C ARG C 65 7.47 -13.81 -1.31
N LEU C 66 7.93 -12.60 -1.03
CA LEU C 66 7.85 -12.01 0.29
C LEU C 66 6.43 -11.90 0.78
N LEU C 67 5.48 -11.68 -0.12
CA LEU C 67 4.08 -11.60 0.28
C LEU C 67 3.60 -12.98 0.68
N ALA C 68 4.04 -13.98 -0.06
CA ALA C 68 3.71 -15.36 0.27
C ALA C 68 4.21 -15.69 1.68
N LYS C 69 5.50 -15.45 1.93
CA LYS C 69 6.11 -15.64 3.25
C LYS C 69 5.30 -14.95 4.34
N LEU C 70 4.52 -13.95 3.98
CA LEU C 70 3.81 -13.13 4.95
C LEU C 70 2.33 -13.48 5.05
N GLY C 71 1.86 -14.36 4.17
CA GLY C 71 0.48 -14.77 4.16
C GLY C 71 -0.44 -13.69 3.60
N MET C 72 0.11 -12.85 2.72
CA MET C 72 -0.63 -11.77 2.08
C MET C 72 -0.58 -11.90 0.55
N GLU C 73 -1.45 -11.19 -0.15
CA GLU C 73 -1.53 -11.30 -1.60
C GLU C 73 -1.46 -9.96 -2.34
N ARG C 74 -1.18 -8.88 -1.61
CA ARG C 74 -1.13 -7.54 -2.20
C ARG C 74 -0.10 -6.66 -1.48
N ARG C 75 0.80 -6.04 -2.25
CA ARG C 75 1.91 -5.28 -1.66
C ARG C 75 1.46 -4.18 -0.68
N THR C 76 0.21 -3.76 -0.81
CA THR C 76 -0.30 -2.71 0.07
C THR C 76 -0.38 -3.23 1.49
N GLN C 77 -0.87 -4.44 1.64
CA GLN C 77 -0.92 -5.10 2.93
C GLN C 77 0.45 -5.10 3.58
N ALA C 78 1.41 -5.65 2.85
CA ALA C 78 2.79 -5.63 3.28
C ALA C 78 3.19 -4.27 3.85
N ALA C 79 2.95 -3.22 3.07
CA ALA C 79 3.35 -1.87 3.42
C ALA C 79 2.72 -1.40 4.72
N VAL C 80 1.42 -1.62 4.86
CA VAL C 80 0.73 -1.17 6.05
C VAL C 80 1.24 -1.91 7.25
N PHE C 81 1.48 -3.21 7.06
CA PHE C 81 1.97 -4.09 8.12
C PHE C 81 3.34 -3.62 8.56
N ALA C 82 4.18 -3.37 7.57
CA ALA C 82 5.51 -2.82 7.80
C ALA C 82 5.44 -1.49 8.51
N THR C 83 4.44 -0.70 8.13
CA THR C 83 4.26 0.64 8.68
C THR C 83 3.88 0.54 10.15
N GLU C 84 3.16 -0.53 10.49
CA GLU C 84 2.70 -0.76 11.85
C GLU C 84 3.86 -1.19 12.75
N LEU C 85 4.86 -1.86 12.17
CA LEU C 85 6.06 -2.25 12.94
C LEU C 85 6.93 -1.04 13.24
N LYS C 86 7.27 -0.28 12.20
CA LYS C 86 8.07 0.92 12.32
C LYS C 86 7.58 1.82 13.46
N ARG C 87 6.30 1.69 13.81
CA ARG C 87 5.71 2.47 14.90
C ARG C 87 5.17 1.54 16.00
N ASP D 23 -2.86 14.68 10.93
CA ASP D 23 -4.32 14.41 10.82
C ASP D 23 -4.99 15.37 9.84
N PRO D 24 -4.34 15.61 8.70
CA PRO D 24 -4.87 16.52 7.69
C PRO D 24 -5.94 15.85 6.83
N LEU D 25 -7.11 15.63 7.39
CA LEU D 25 -8.22 15.04 6.66
C LEU D 25 -9.17 16.13 6.15
N SER D 26 -8.69 17.37 6.19
CA SER D 26 -9.44 18.51 5.70
C SER D 26 -9.30 18.64 4.20
N GLY D 27 -10.40 18.43 3.49
CA GLY D 27 -10.39 18.43 2.04
C GLY D 27 -11.06 17.18 1.51
N LEU D 28 -11.07 16.13 2.31
CA LEU D 28 -11.61 14.85 1.88
C LEU D 28 -13.10 14.80 2.12
N THR D 29 -13.86 14.37 1.11
CA THR D 29 -15.31 14.33 1.25
C THR D 29 -15.72 13.34 2.33
N ASP D 30 -17.03 13.13 2.44
CA ASP D 30 -17.60 12.14 3.34
C ASP D 30 -16.82 10.85 3.21
N GLN D 31 -17.01 10.20 2.07
CA GLN D 31 -16.54 8.85 1.85
C GLN D 31 -15.10 8.80 1.40
N GLU D 32 -14.48 9.94 1.17
CA GLU D 32 -13.07 9.96 0.85
C GLU D 32 -12.23 9.62 2.08
N ARG D 33 -12.72 9.98 3.26
CA ARG D 33 -12.04 9.61 4.51
C ARG D 33 -12.26 8.11 4.81
N THR D 34 -13.31 7.56 4.21
CA THR D 34 -13.62 6.15 4.34
C THR D 34 -13.09 5.38 3.16
N LEU D 35 -12.47 6.08 2.21
CA LEU D 35 -11.78 5.42 1.12
C LEU D 35 -10.32 5.30 1.51
N LEU D 36 -10.00 5.85 2.67
CA LEU D 36 -8.66 5.86 3.19
C LEU D 36 -8.52 4.72 4.15
N GLY D 37 -9.59 4.40 4.86
CA GLY D 37 -9.59 3.33 5.82
C GLY D 37 -9.67 1.98 5.12
N LEU D 38 -10.40 1.94 4.02
CA LEU D 38 -10.49 0.72 3.21
C LEU D 38 -9.21 0.52 2.38
N LEU D 39 -8.61 1.61 1.95
CA LEU D 39 -7.35 1.51 1.26
C LEU D 39 -6.28 1.00 2.20
N SER D 40 -6.36 1.41 3.46
CA SER D 40 -5.34 1.10 4.47
C SER D 40 -5.47 -0.33 4.99
N GLU D 41 -6.55 -1.00 4.64
CA GLU D 41 -6.70 -2.43 4.91
C GLU D 41 -6.28 -3.23 3.67
N GLY D 42 -5.42 -2.62 2.86
CA GLY D 42 -4.90 -3.25 1.66
C GLY D 42 -5.92 -4.07 0.92
N LEU D 43 -7.10 -3.47 0.72
CA LEU D 43 -8.17 -4.05 -0.06
C LEU D 43 -8.02 -3.69 -1.53
N THR D 44 -8.79 -4.36 -2.38
CA THR D 44 -8.78 -4.08 -3.81
C THR D 44 -9.95 -3.18 -4.16
N ASN D 45 -9.82 -2.44 -5.25
CA ASN D 45 -10.90 -1.59 -5.70
C ASN D 45 -12.23 -2.34 -5.62
N LYS D 46 -12.25 -3.58 -6.13
CA LYS D 46 -13.48 -4.35 -6.18
C LYS D 46 -13.98 -4.76 -4.78
N GLN D 47 -13.06 -5.07 -3.86
CA GLN D 47 -13.43 -5.38 -2.49
C GLN D 47 -13.95 -4.13 -1.80
N ILE D 48 -13.19 -3.06 -1.91
CA ILE D 48 -13.65 -1.77 -1.39
C ILE D 48 -14.98 -1.38 -2.05
N ALA D 49 -15.20 -1.86 -3.27
CA ALA D 49 -16.42 -1.54 -3.99
C ALA D 49 -17.60 -2.19 -3.30
N ASP D 50 -17.50 -3.49 -3.03
CA ASP D 50 -18.59 -4.25 -2.42
C ASP D 50 -18.91 -3.69 -1.05
N ARG D 51 -17.87 -3.32 -0.31
CA ARG D 51 -18.05 -2.75 1.01
C ARG D 51 -18.79 -1.42 0.95
N MET D 52 -18.94 -0.86 -0.24
CA MET D 52 -19.59 0.44 -0.41
C MET D 52 -20.73 0.41 -1.45
N PHE D 53 -20.94 -0.75 -2.06
CA PHE D 53 -22.07 -0.94 -2.97
C PHE D 53 -21.86 -0.30 -4.34
N LEU D 54 -20.65 0.15 -4.63
CA LEU D 54 -20.34 0.74 -5.93
C LEU D 54 -19.91 -0.30 -6.94
N ALA D 55 -19.54 0.19 -8.13
CA ALA D 55 -18.89 -0.64 -9.13
C ALA D 55 -17.41 -0.41 -9.02
N GLU D 56 -16.61 -1.34 -9.53
CA GLU D 56 -15.16 -1.21 -9.45
C GLU D 56 -14.73 0.05 -10.18
N LYS D 57 -15.40 0.34 -11.29
CA LYS D 57 -15.05 1.50 -12.10
C LYS D 57 -15.26 2.77 -11.27
N THR D 58 -16.41 2.84 -10.60
CA THR D 58 -16.70 3.96 -9.71
C THR D 58 -15.55 4.16 -8.73
N VAL D 59 -15.05 3.06 -8.18
CA VAL D 59 -14.00 3.12 -7.17
C VAL D 59 -12.71 3.61 -7.77
N LYS D 60 -12.30 3.01 -8.87
CA LYS D 60 -11.07 3.40 -9.54
C LYS D 60 -11.05 4.92 -9.58
N ASN D 61 -12.21 5.51 -9.88
CA ASN D 61 -12.32 6.96 -10.02
C ASN D 61 -12.11 7.67 -8.70
N TYR D 62 -12.98 7.41 -7.73
CA TYR D 62 -12.89 8.04 -6.42
C TYR D 62 -11.48 7.98 -5.84
N VAL D 63 -10.86 6.80 -5.92
CA VAL D 63 -9.52 6.61 -5.37
C VAL D 63 -8.52 7.48 -6.11
N SER D 64 -8.59 7.44 -7.43
CA SER D 64 -7.66 8.18 -8.29
C SER D 64 -7.81 9.69 -8.10
N ARG D 65 -9.01 10.15 -7.81
CA ARG D 65 -9.23 11.54 -7.43
C ARG D 65 -8.56 11.81 -6.10
N LEU D 66 -8.78 10.90 -5.15
CA LEU D 66 -8.31 11.06 -3.78
C LEU D 66 -6.80 11.15 -3.68
N LEU D 67 -6.10 10.43 -4.55
CA LEU D 67 -4.64 10.49 -4.58
C LEU D 67 -4.20 11.85 -5.05
N ALA D 68 -4.89 12.35 -6.07
CA ALA D 68 -4.65 13.68 -6.58
C ALA D 68 -4.78 14.71 -5.45
N LYS D 69 -5.93 14.68 -4.76
CA LYS D 69 -6.18 15.53 -3.60
C LYS D 69 -5.07 15.42 -2.54
N LEU D 70 -4.32 14.32 -2.57
CA LEU D 70 -3.33 14.04 -1.55
C LEU D 70 -1.90 14.33 -1.99
N GLY D 71 -1.73 14.58 -3.29
CA GLY D 71 -0.42 14.83 -3.84
C GLY D 71 0.38 13.56 -4.02
N MET D 72 -0.33 12.43 -4.12
CA MET D 72 0.30 11.12 -4.28
C MET D 72 -0.11 10.49 -5.62
N GLU D 73 0.64 9.50 -6.07
CA GLU D 73 0.34 8.88 -7.37
C GLU D 73 0.18 7.36 -7.29
N ARG D 74 0.10 6.83 -6.06
CA ARG D 74 -0.08 5.39 -5.86
C ARG D 74 -0.88 5.10 -4.60
N ARG D 75 -1.79 4.14 -4.70
CA ARG D 75 -2.69 3.80 -3.59
C ARG D 75 -1.93 3.39 -2.34
N THR D 76 -0.73 2.87 -2.54
CA THR D 76 0.08 2.38 -1.44
C THR D 76 0.52 3.52 -0.52
N GLN D 77 1.00 4.61 -1.11
CA GLN D 77 1.32 5.82 -0.34
C GLN D 77 0.13 6.26 0.51
N ALA D 78 -1.05 6.30 -0.09
CA ALA D 78 -2.28 6.68 0.61
C ALA D 78 -2.49 5.82 1.82
N ALA D 79 -2.31 4.51 1.67
CA ALA D 79 -2.52 3.55 2.76
C ALA D 79 -1.56 3.81 3.90
N VAL D 80 -0.29 3.84 3.59
CA VAL D 80 0.74 4.03 4.60
C VAL D 80 0.50 5.34 5.34
N PHE D 81 0.13 6.37 4.58
CA PHE D 81 -0.15 7.69 5.14
C PHE D 81 -1.34 7.62 6.07
N ALA D 82 -2.38 6.93 5.61
CA ALA D 82 -3.57 6.68 6.42
C ALA D 82 -3.18 5.90 7.65
N THR D 83 -2.26 4.96 7.47
CA THR D 83 -1.85 4.06 8.53
C THR D 83 -1.14 4.83 9.61
N GLU D 84 -0.43 5.86 9.19
CA GLU D 84 0.32 6.72 10.11
C GLU D 84 -0.63 7.62 10.92
N LEU D 85 -1.77 7.96 10.34
CA LEU D 85 -2.76 8.79 11.03
C LEU D 85 -3.48 7.99 12.12
N LYS D 86 -3.94 6.81 11.75
CA LYS D 86 -4.63 5.90 12.68
C LYS D 86 -3.79 5.62 13.92
N ARG D 87 -2.48 5.82 13.82
CA ARG D 87 -1.58 5.66 14.95
C ARG D 87 -0.89 6.99 15.30
#